data_8Q1R
#
_entry.id   8Q1R
#
_cell.length_a   103.039
_cell.length_b   103.039
_cell.length_c   55.727
_cell.angle_alpha   90
_cell.angle_beta   90
_cell.angle_gamma   120
#
_symmetry.space_group_name_H-M   'P 61'
#
loop_
_entity.id
_entity.type
_entity.pdbx_description
1 polymer 'Kelch-like ECH-associated protein 1'
2 polymer 'Stapled peptide'
3 non-polymer 'SULFATE ION'
4 non-polymer 'SODIUM ION'
5 non-polymer 'ethyl 2-[(4,6-diethylpyrimidin-2-yl)-methyl-amino]ethanoate'
6 water water
#
loop_
_entity_poly.entity_id
_entity_poly.type
_entity_poly.pdbx_seq_one_letter_code
_entity_poly.pdbx_strand_id
1 'polypeptide(L)'
;PKVGRLIYTAGGYFRQSLSYLEAYNPSNGSWLRLADLQVPRSGLAGCVVGGLLYAVGGRNNSPDGNTDSSALDCYNPMTN
QWSPCASMSVPRNRIGVGVIDGHIYAVGGSHGCIHHSSVERYEPERDEWHLVAPMLTRRIGVGVAVLNRLLYAVGGFDGT
NRLNSAECYYPERNEWRMITPMNTIRSGAGVCVLHNCIYAAGGYDGQDQLNSVERYDVETETWTFVAPMRHHRSALGITV
HQGKIYVLGGYDGHTFLDSVECYDPDSDTWSEVTRMTSGRSGVGVAVTMEPCRKQIDQQNCTC
;
A
2 'polypeptide(L)' (ACE)CDPETGECL(NH2) E
#
loop_
_chem_comp.id
_chem_comp.type
_chem_comp.name
_chem_comp.formula
ACE non-polymer 'ACETYL GROUP' 'C2 H4 O'
IZS non-polymer 'ethyl 2-[(4,6-diethylpyrimidin-2-yl)-methyl-amino]ethanoate' 'C13 H21 N3 O2'
NA non-polymer 'SODIUM ION' 'Na 1'
NH2 non-polymer 'AMINO GROUP' 'H2 N'
SO4 non-polymer 'SULFATE ION' 'O4 S -2'
#
# COMPACT_ATOMS: atom_id res chain seq x y z
N GLY A 4 -12.91 11.70 14.97
CA GLY A 4 -13.55 11.89 13.68
C GLY A 4 -12.71 11.46 12.50
N ARG A 5 -11.83 10.46 12.71
CA ARG A 5 -10.99 9.95 11.63
C ARG A 5 -11.42 8.56 11.16
N LEU A 6 -11.44 8.37 9.82
CA LEU A 6 -11.87 7.13 9.25
C LEU A 6 -10.77 6.44 8.44
N ILE A 7 -10.88 5.13 8.31
CA ILE A 7 -10.00 4.37 7.46
C ILE A 7 -10.66 4.22 6.10
N TYR A 8 -10.08 4.81 5.09
CA TYR A 8 -10.62 4.74 3.72
C TYR A 8 -10.00 3.62 2.94
N THR A 9 -10.80 2.84 2.18
CA THR A 9 -10.26 1.81 1.31
C THR A 9 -10.76 2.14 -0.10
N ALA A 10 -9.85 2.19 -1.02
CA ALA A 10 -10.15 2.59 -2.38
C ALA A 10 -9.75 1.52 -3.34
N GLY A 11 -10.62 1.23 -4.30
CA GLY A 11 -10.29 0.26 -5.32
C GLY A 11 -10.17 -1.16 -4.82
N GLY A 12 -9.35 -1.92 -5.53
CA GLY A 12 -9.20 -3.34 -5.20
C GLY A 12 -9.70 -4.26 -6.31
N TYR A 13 -9.74 -5.56 -6.03
CA TYR A 13 -10.12 -6.54 -7.02
C TYR A 13 -10.95 -7.66 -6.44
N PHE A 14 -11.95 -8.06 -7.21
CA PHE A 14 -12.78 -9.23 -6.95
C PHE A 14 -13.48 -9.46 -8.29
N ARG A 15 -13.03 -10.44 -9.04
CA ARG A 15 -13.52 -10.77 -10.41
C ARG A 15 -12.97 -9.80 -11.41
N GLN A 16 -12.98 -8.52 -11.08
CA GLN A 16 -12.37 -7.46 -11.90
C GLN A 16 -11.90 -6.36 -10.96
N SER A 17 -11.10 -5.40 -11.47
CA SER A 17 -10.69 -4.28 -10.61
C SER A 17 -11.95 -3.44 -10.33
N LEU A 18 -11.96 -2.84 -9.16
CA LEU A 18 -13.11 -2.20 -8.57
C LEU A 18 -12.94 -0.69 -8.44
N SER A 19 -14.05 0.03 -8.36
N SER A 19 -14.05 0.03 -8.33
CA SER A 19 -14.02 1.48 -8.16
CA SER A 19 -14.03 1.47 -8.14
C SER A 19 -14.53 1.91 -6.78
C SER A 19 -14.46 1.92 -6.75
N TYR A 20 -14.74 0.97 -5.83
CA TYR A 20 -15.27 1.31 -4.55
C TYR A 20 -14.41 2.28 -3.75
N LEU A 21 -15.05 3.21 -3.08
CA LEU A 21 -14.43 3.98 -2.02
C LEU A 21 -15.31 3.78 -0.80
N GLU A 22 -14.77 3.13 0.24
CA GLU A 22 -15.59 2.91 1.44
C GLU A 22 -14.75 3.37 2.66
N ALA A 23 -15.43 3.82 3.71
CA ALA A 23 -14.72 4.34 4.88
C ALA A 23 -15.22 3.66 6.13
N TYR A 24 -14.30 3.15 6.91
CA TYR A 24 -14.56 2.44 8.16
C TYR A 24 -14.32 3.36 9.35
N ASN A 25 -15.25 3.37 10.31
CA ASN A 25 -15.12 4.17 11.53
C ASN A 25 -14.82 3.24 12.70
N PRO A 26 -13.56 3.20 13.16
CA PRO A 26 -13.22 2.33 14.30
C PRO A 26 -14.01 2.67 15.53
N SER A 27 -14.43 3.94 15.69
CA SER A 27 -15.16 4.32 16.90
C SER A 27 -16.56 3.68 17.01
N ASN A 28 -17.23 3.34 15.85
CA ASN A 28 -18.57 2.74 15.98
C ASN A 28 -18.79 1.48 15.10
N GLY A 29 -17.75 1.02 14.39
CA GLY A 29 -17.77 -0.17 13.59
C GLY A 29 -18.53 -0.02 12.28
N SER A 30 -18.91 1.22 11.90
CA SER A 30 -19.70 1.40 10.67
C SER A 30 -18.86 1.54 9.43
N TRP A 31 -19.48 1.20 8.29
CA TRP A 31 -18.85 1.40 6.99
C TRP A 31 -19.74 2.37 6.19
N LEU A 32 -19.13 3.24 5.42
CA LEU A 32 -19.87 4.19 4.59
C LEU A 32 -19.39 4.01 3.19
N ARG A 33 -20.30 3.89 2.22
CA ARG A 33 -19.88 3.83 0.83
C ARG A 33 -19.91 5.27 0.31
N LEU A 34 -18.82 5.69 -0.31
CA LEU A 34 -18.68 7.06 -0.79
C LEU A 34 -18.50 7.06 -2.32
N ALA A 35 -18.20 8.25 -2.89
CA ALA A 35 -18.12 8.32 -4.36
C ALA A 35 -17.10 7.37 -4.96
N ASP A 36 -17.51 6.65 -5.99
CA ASP A 36 -16.64 5.73 -6.68
C ASP A 36 -15.48 6.45 -7.33
N LEU A 37 -14.32 5.76 -7.43
CA LEU A 37 -13.24 6.21 -8.31
C LEU A 37 -13.79 6.35 -9.77
N GLN A 38 -13.23 7.28 -10.50
CA GLN A 38 -13.66 7.51 -11.89
C GLN A 38 -13.27 6.32 -12.80
N VAL A 39 -12.16 5.65 -12.47
CA VAL A 39 -11.67 4.51 -13.21
C VAL A 39 -11.39 3.39 -12.21
N PRO A 40 -11.87 2.16 -12.44
CA PRO A 40 -11.53 1.07 -11.49
C PRO A 40 -10.02 0.81 -11.47
N ARG A 41 -9.51 0.37 -10.31
CA ARG A 41 -8.10 0.05 -10.23
C ARG A 41 -7.85 -0.81 -9.02
N SER A 42 -6.97 -1.78 -9.20
CA SER A 42 -6.39 -2.59 -8.11
C SER A 42 -4.83 -2.43 -8.19
N GLY A 43 -4.13 -2.74 -7.10
CA GLY A 43 -2.68 -2.56 -7.08
C GLY A 43 -2.27 -1.10 -6.98
N LEU A 44 -3.20 -0.24 -6.55
CA LEU A 44 -2.94 1.18 -6.33
C LEU A 44 -2.48 1.37 -4.89
N ALA A 45 -2.09 2.60 -4.57
CA ALA A 45 -1.81 2.94 -3.18
C ALA A 45 -2.65 4.15 -2.83
N GLY A 46 -2.96 4.29 -1.55
CA GLY A 46 -3.66 5.47 -1.07
C GLY A 46 -2.75 6.25 -0.13
N CYS A 47 -3.01 7.54 0.00
CA CYS A 47 -2.30 8.36 0.99
C CYS A 47 -3.08 9.64 1.24
N VAL A 48 -2.70 10.40 2.27
CA VAL A 48 -3.39 11.63 2.58
C VAL A 48 -2.39 12.78 2.73
N VAL A 49 -2.72 13.94 2.18
CA VAL A 49 -1.92 15.15 2.34
C VAL A 49 -2.89 16.30 2.57
N GLY A 50 -2.75 17.02 3.68
CA GLY A 50 -3.60 18.18 3.95
C GLY A 50 -5.09 17.91 3.92
N GLY A 51 -5.50 16.81 4.51
CA GLY A 51 -6.90 16.43 4.54
C GLY A 51 -7.47 15.82 3.27
N LEU A 52 -6.70 15.81 2.17
CA LEU A 52 -7.19 15.24 0.90
C LEU A 52 -6.70 13.82 0.74
N LEU A 53 -7.54 12.94 0.20
CA LEU A 53 -7.14 11.55 -0.02
C LEU A 53 -6.68 11.41 -1.47
N TYR A 54 -5.59 10.71 -1.71
CA TYR A 54 -5.08 10.49 -3.06
C TYR A 54 -5.05 9.03 -3.37
N ALA A 55 -5.39 8.69 -4.63
CA ALA A 55 -5.31 7.33 -5.14
C ALA A 55 -4.27 7.40 -6.24
N VAL A 56 -3.25 6.55 -6.14
CA VAL A 56 -2.08 6.59 -7.01
C VAL A 56 -1.80 5.27 -7.74
N GLY A 57 -1.61 5.33 -9.05
CA GLY A 57 -1.20 4.16 -9.80
C GLY A 57 -2.22 3.03 -9.80
N GLY A 58 -1.70 1.82 -9.93
CA GLY A 58 -2.55 0.63 -10.02
C GLY A 58 -2.75 0.20 -11.48
N ARG A 59 -3.78 -0.67 -11.70
CA ARG A 59 -4.07 -1.16 -13.03
C ARG A 59 -5.55 -1.57 -13.03
N ASN A 60 -6.22 -1.29 -14.16
CA ASN A 60 -7.60 -1.72 -14.32
C ASN A 60 -7.57 -3.06 -15.03
N ASN A 61 -7.80 -4.13 -14.30
CA ASN A 61 -7.85 -5.48 -14.85
C ASN A 61 -9.34 -5.74 -15.05
N SER A 62 -9.83 -5.46 -16.27
CA SER A 62 -11.24 -5.50 -16.57
C SER A 62 -11.51 -6.66 -17.53
N PRO A 63 -12.82 -6.95 -17.78
CA PRO A 63 -13.15 -7.97 -18.78
C PRO A 63 -12.57 -7.64 -20.15
N ASP A 64 -12.35 -6.36 -20.46
CA ASP A 64 -11.85 -5.99 -21.79
C ASP A 64 -10.35 -5.77 -21.86
N GLY A 65 -9.62 -6.02 -20.78
CA GLY A 65 -8.18 -5.86 -20.84
C GLY A 65 -7.56 -5.23 -19.63
N ASN A 66 -6.25 -5.15 -19.66
CA ASN A 66 -5.47 -4.64 -18.56
C ASN A 66 -4.86 -3.29 -18.91
N THR A 67 -5.15 -2.26 -18.14
CA THR A 67 -4.55 -0.95 -18.44
C THR A 67 -3.82 -0.45 -17.19
N ASP A 68 -2.47 -0.37 -17.23
CA ASP A 68 -1.74 0.16 -16.07
C ASP A 68 -2.01 1.65 -15.95
N SER A 69 -2.03 2.15 -14.73
CA SER A 69 -2.39 3.53 -14.47
C SER A 69 -1.21 4.37 -14.02
N SER A 70 -1.09 5.54 -14.67
CA SER A 70 -0.17 6.57 -14.18
C SER A 70 -0.97 7.65 -13.39
N ALA A 71 -2.26 7.40 -13.05
CA ALA A 71 -3.09 8.42 -12.50
C ALA A 71 -2.86 8.72 -11.06
N LEU A 72 -3.07 10.01 -10.76
CA LEU A 72 -3.15 10.50 -9.42
C LEU A 72 -4.52 11.20 -9.36
N ASP A 73 -5.41 10.73 -8.47
CA ASP A 73 -6.75 11.29 -8.28
C ASP A 73 -6.89 11.74 -6.86
N CYS A 74 -7.56 12.85 -6.68
CA CYS A 74 -7.75 13.59 -5.44
C CYS A 74 -9.21 13.52 -4.97
N TYR A 75 -9.44 13.02 -3.77
CA TYR A 75 -10.77 12.96 -3.18
C TYR A 75 -10.87 13.97 -2.05
N ASN A 76 -11.90 14.81 -2.05
CA ASN A 76 -12.10 15.78 -0.97
C ASN A 76 -13.26 15.30 -0.12
N PRO A 77 -13.01 14.90 1.15
CA PRO A 77 -14.13 14.45 2.00
C PRO A 77 -15.20 15.51 2.25
N MET A 78 -14.82 16.80 2.23
CA MET A 78 -15.77 17.90 2.44
C MET A 78 -16.83 17.97 1.31
N THR A 79 -16.51 17.51 0.07
CA THR A 79 -17.47 17.54 -1.02
C THR A 79 -17.87 16.14 -1.54
N ASN A 80 -17.16 15.08 -1.11
CA ASN A 80 -17.40 13.71 -1.59
C ASN A 80 -17.20 13.66 -3.12
N GLN A 81 -16.16 14.33 -3.63
CA GLN A 81 -15.90 14.37 -5.06
C GLN A 81 -14.46 14.04 -5.35
N TRP A 82 -14.22 13.22 -6.37
CA TRP A 82 -12.92 12.90 -6.91
C TRP A 82 -12.65 13.92 -8.03
N SER A 83 -11.39 14.31 -8.16
CA SER A 83 -10.89 15.26 -9.16
C SER A 83 -9.59 14.67 -9.66
N PRO A 84 -9.35 14.71 -10.96
CA PRO A 84 -8.04 14.25 -11.46
C PRO A 84 -6.94 15.25 -11.10
N CYS A 85 -5.80 14.71 -10.75
CA CYS A 85 -4.62 15.50 -10.52
C CYS A 85 -3.58 15.17 -11.61
N ALA A 86 -2.38 15.82 -11.59
CA ALA A 86 -1.37 15.54 -12.62
C ALA A 86 -0.97 14.07 -12.61
N SER A 87 -0.85 13.47 -13.80
CA SER A 87 -0.42 12.07 -13.90
C SER A 87 1.09 11.94 -13.72
N MET A 88 1.51 10.77 -13.24
CA MET A 88 2.92 10.45 -13.07
C MET A 88 3.63 10.27 -14.43
N SER A 89 4.97 10.19 -14.41
CA SER A 89 5.72 10.03 -15.66
C SER A 89 5.42 8.71 -16.38
N VAL A 90 5.04 7.67 -15.63
CA VAL A 90 4.87 6.34 -16.17
C VAL A 90 3.75 5.65 -15.41
N PRO A 91 3.13 4.64 -16.04
CA PRO A 91 2.16 3.83 -15.25
C PRO A 91 2.88 3.00 -14.20
N ARG A 92 2.22 2.76 -13.04
CA ARG A 92 2.87 2.03 -11.95
C ARG A 92 1.80 1.15 -11.28
N ASN A 93 1.71 -0.09 -11.74
CA ASN A 93 0.82 -1.08 -11.06
C ASN A 93 1.60 -1.71 -9.90
N ARG A 94 0.91 -2.00 -8.81
CA ARG A 94 1.59 -2.61 -7.62
C ARG A 94 2.68 -1.68 -7.12
N ILE A 95 2.29 -0.41 -7.05
CA ILE A 95 3.16 0.71 -6.60
C ILE A 95 3.18 0.73 -5.04
N GLY A 96 4.14 1.47 -4.50
CA GLY A 96 4.14 1.85 -3.10
C GLY A 96 4.31 3.35 -3.02
N VAL A 97 3.64 4.00 -2.04
CA VAL A 97 3.76 5.47 -1.85
C VAL A 97 4.04 5.80 -0.39
N GLY A 98 4.65 6.97 -0.21
CA GLY A 98 4.94 7.51 1.12
C GLY A 98 4.84 9.02 1.06
N VAL A 99 4.45 9.67 2.16
CA VAL A 99 4.35 11.13 2.19
C VAL A 99 5.43 11.67 3.10
N ILE A 100 6.19 12.63 2.61
CA ILE A 100 7.22 13.28 3.45
C ILE A 100 7.07 14.77 3.23
N ASP A 101 6.92 15.53 4.34
N ASP A 101 6.92 15.53 4.34
CA ASP A 101 6.83 16.99 4.28
CA ASP A 101 6.83 16.99 4.28
C ASP A 101 5.84 17.53 3.22
C ASP A 101 5.84 17.53 3.22
N GLY A 102 4.65 16.98 3.17
CA GLY A 102 3.63 17.44 2.23
C GLY A 102 3.79 17.00 0.79
N HIS A 103 4.75 16.11 0.52
CA HIS A 103 4.97 15.64 -0.86
C HIS A 103 4.73 14.12 -0.94
N ILE A 104 4.22 13.67 -2.07
CA ILE A 104 3.96 12.24 -2.26
C ILE A 104 5.08 11.60 -3.06
N TYR A 105 5.70 10.52 -2.53
CA TYR A 105 6.70 9.78 -3.30
C TYR A 105 6.05 8.52 -3.86
N ALA A 106 6.12 8.33 -5.16
CA ALA A 106 5.61 7.16 -5.84
C ALA A 106 6.80 6.30 -6.18
N VAL A 107 6.76 5.04 -5.73
CA VAL A 107 7.89 4.17 -5.86
C VAL A 107 7.61 2.91 -6.65
N GLY A 108 8.45 2.59 -7.62
CA GLY A 108 8.41 1.28 -8.25
C GLY A 108 7.14 0.99 -9.04
N GLY A 109 6.73 -0.25 -8.94
CA GLY A 109 5.55 -0.68 -9.72
C GLY A 109 5.90 -1.12 -11.13
N SER A 110 4.91 -1.68 -11.82
CA SER A 110 5.15 -2.20 -13.16
C SER A 110 4.36 -1.48 -14.21
N HIS A 111 4.85 -1.60 -15.46
CA HIS A 111 4.10 -1.13 -16.63
C HIS A 111 4.29 -2.24 -17.64
N GLY A 112 3.29 -3.13 -17.79
CA GLY A 112 3.50 -4.33 -18.60
C GLY A 112 4.61 -5.16 -17.97
N CYS A 113 5.54 -5.64 -18.78
N CYS A 113 5.55 -5.65 -18.80
CA CYS A 113 6.68 -6.40 -18.29
CA CYS A 113 6.69 -6.40 -18.29
C CYS A 113 7.79 -5.52 -17.71
C CYS A 113 7.79 -5.52 -17.70
N ILE A 114 7.65 -4.18 -17.74
CA ILE A 114 8.67 -3.30 -17.18
C ILE A 114 8.51 -3.23 -15.69
N HIS A 115 9.56 -3.58 -14.93
CA HIS A 115 9.52 -3.49 -13.47
C HIS A 115 10.35 -2.27 -13.10
N HIS A 116 9.74 -1.27 -12.49
CA HIS A 116 10.45 -0.01 -12.27
C HIS A 116 11.36 0.03 -11.07
N SER A 117 12.52 0.69 -11.26
CA SER A 117 13.27 1.12 -10.08
C SER A 117 13.01 2.63 -9.90
N SER A 118 12.36 3.31 -10.85
CA SER A 118 12.22 4.76 -10.77
C SER A 118 11.30 5.17 -9.65
N VAL A 119 11.51 6.43 -9.21
CA VAL A 119 10.79 7.07 -8.11
C VAL A 119 10.52 8.52 -8.52
N GLU A 120 9.31 9.00 -8.18
CA GLU A 120 8.97 10.38 -8.52
C GLU A 120 8.21 11.00 -7.38
N ARG A 121 8.27 12.34 -7.31
CA ARG A 121 7.72 13.09 -6.18
C ARG A 121 6.71 14.11 -6.63
N TYR A 122 5.54 14.13 -5.96
CA TYR A 122 4.47 15.06 -6.27
C TYR A 122 4.41 16.20 -5.27
N GLU A 123 4.27 17.43 -5.79
CA GLU A 123 4.07 18.63 -4.99
C GLU A 123 2.64 19.11 -5.18
N PRO A 124 1.79 18.97 -4.18
CA PRO A 124 0.37 19.39 -4.34
C PRO A 124 0.18 20.87 -4.64
N GLU A 125 1.10 21.71 -4.13
CA GLU A 125 1.08 23.17 -4.28
C GLU A 125 1.25 23.59 -5.76
N ARG A 126 1.97 22.78 -6.54
CA ARG A 126 2.16 23.06 -7.98
C ARG A 126 1.44 22.07 -8.90
N ASP A 127 0.85 21.00 -8.34
CA ASP A 127 0.22 19.92 -9.11
C ASP A 127 1.21 19.37 -10.14
N GLU A 128 2.41 19.03 -9.67
CA GLU A 128 3.53 18.61 -10.53
C GLU A 128 4.27 17.43 -9.94
N TRP A 129 4.66 16.49 -10.81
CA TRP A 129 5.53 15.37 -10.45
C TRP A 129 6.93 15.64 -11.01
N HIS A 130 7.96 15.18 -10.29
CA HIS A 130 9.32 15.19 -10.78
C HIS A 130 10.02 13.93 -10.35
N LEU A 131 10.85 13.39 -11.23
CA LEU A 131 11.62 12.19 -10.92
C LEU A 131 12.75 12.53 -9.93
N VAL A 132 12.98 11.60 -9.00
CA VAL A 132 14.10 11.71 -8.08
C VAL A 132 15.03 10.50 -8.34
N ALA A 133 16.06 10.25 -7.50
CA ALA A 133 16.95 9.13 -7.74
C ALA A 133 16.19 7.82 -7.71
N PRO A 134 16.49 6.91 -8.63
CA PRO A 134 15.81 5.62 -8.59
C PRO A 134 16.35 4.75 -7.45
N MET A 135 15.54 3.73 -7.08
CA MET A 135 15.98 2.75 -6.15
C MET A 135 17.17 1.95 -6.70
N LEU A 136 17.92 1.30 -5.76
CA LEU A 136 19.00 0.41 -6.19
C LEU A 136 18.46 -0.88 -6.81
N THR A 137 17.18 -1.19 -6.58
CA THR A 137 16.57 -2.43 -7.04
C THR A 137 15.22 -2.10 -7.73
N ARG A 138 14.89 -2.84 -8.80
CA ARG A 138 13.56 -2.71 -9.39
C ARG A 138 12.58 -3.41 -8.40
N ARG A 139 11.44 -2.81 -8.10
CA ARG A 139 10.49 -3.41 -7.13
C ARG A 139 9.07 -3.15 -7.52
N ILE A 140 8.29 -4.23 -7.69
CA ILE A 140 6.85 -4.14 -7.86
C ILE A 140 6.24 -4.96 -6.68
N GLY A 141 5.04 -4.62 -6.25
CA GLY A 141 4.48 -5.30 -5.05
C GLY A 141 5.31 -4.91 -3.81
N VAL A 142 5.87 -3.72 -3.86
CA VAL A 142 6.76 -3.21 -2.84
C VAL A 142 6.00 -2.51 -1.72
N GLY A 143 6.44 -2.70 -0.49
CA GLY A 143 5.78 -2.02 0.62
C GLY A 143 6.56 -0.74 0.93
N VAL A 144 5.90 0.40 1.12
CA VAL A 144 6.59 1.67 1.39
C VAL A 144 6.05 2.31 2.65
N ALA A 145 6.94 2.87 3.47
CA ALA A 145 6.47 3.61 4.62
C ALA A 145 7.49 4.69 4.98
N VAL A 146 7.05 5.67 5.76
CA VAL A 146 7.94 6.79 6.10
C VAL A 146 8.13 6.80 7.61
N LEU A 147 9.39 6.94 8.03
CA LEU A 147 9.67 7.04 9.47
C LEU A 147 10.73 8.11 9.64
N ASN A 148 10.45 9.10 10.49
CA ASN A 148 11.42 10.16 10.80
C ASN A 148 11.85 10.86 9.51
N ARG A 149 10.88 11.10 8.60
CA ARG A 149 11.19 11.82 7.35
C ARG A 149 12.23 11.10 6.46
N LEU A 150 12.27 9.77 6.53
CA LEU A 150 13.04 8.92 5.64
C LEU A 150 12.06 7.97 4.98
N LEU A 151 12.26 7.64 3.71
CA LEU A 151 11.33 6.76 2.94
C LEU A 151 11.90 5.35 2.81
N TYR A 152 11.13 4.29 3.10
CA TYR A 152 11.64 2.93 3.03
C TYR A 152 10.87 2.16 2.00
N ALA A 153 11.58 1.39 1.19
CA ALA A 153 10.99 0.48 0.18
C ALA A 153 11.37 -0.94 0.56
N VAL A 154 10.36 -1.80 0.84
CA VAL A 154 10.55 -3.11 1.44
C VAL A 154 10.04 -4.24 0.58
N GLY A 155 10.89 -5.20 0.30
CA GLY A 155 10.47 -6.40 -0.44
C GLY A 155 10.01 -6.11 -1.86
N GLY A 156 9.12 -6.95 -2.36
CA GLY A 156 8.65 -6.82 -3.71
C GLY A 156 9.22 -7.86 -4.64
N PHE A 157 9.12 -7.59 -5.95
CA PHE A 157 9.54 -8.51 -6.98
C PHE A 157 10.28 -7.67 -8.05
N ASP A 158 11.45 -8.13 -8.47
CA ASP A 158 12.29 -7.33 -9.38
C ASP A 158 12.17 -7.67 -10.84
N GLY A 159 11.25 -8.55 -11.19
CA GLY A 159 11.12 -9.05 -12.56
C GLY A 159 11.57 -10.50 -12.68
N THR A 160 12.42 -10.96 -11.73
CA THR A 160 12.94 -12.33 -11.77
C THR A 160 12.75 -13.00 -10.42
N ASN A 161 13.04 -12.28 -9.34
CA ASN A 161 12.93 -12.86 -8.02
C ASN A 161 12.12 -12.02 -7.06
N ARG A 162 11.45 -12.70 -6.13
CA ARG A 162 10.79 -12.05 -5.00
C ARG A 162 11.90 -11.73 -3.99
N LEU A 163 11.74 -10.63 -3.29
CA LEU A 163 12.82 -10.06 -2.48
C LEU A 163 12.59 -10.07 -0.98
N ASN A 164 13.67 -10.32 -0.22
CA ASN A 164 13.68 -10.01 1.20
C ASN A 164 14.42 -8.67 1.46
N SER A 165 15.01 -8.07 0.40
CA SER A 165 15.80 -6.86 0.62
C SER A 165 14.91 -5.64 0.90
N ALA A 166 15.53 -4.57 1.44
CA ALA A 166 14.84 -3.33 1.66
C ALA A 166 15.87 -2.19 1.55
N GLU A 167 15.40 -0.96 1.29
CA GLU A 167 16.30 0.18 1.16
C GLU A 167 15.63 1.44 1.64
N CYS A 168 16.44 2.49 1.87
CA CYS A 168 15.98 3.73 2.42
C CYS A 168 16.46 4.91 1.59
N TYR A 169 15.60 5.89 1.41
CA TYR A 169 15.90 7.11 0.63
C TYR A 169 16.05 8.24 1.63
N TYR A 170 17.17 8.98 1.44
CA TYR A 170 17.59 10.10 2.30
C TYR A 170 17.38 11.35 1.44
N PRO A 171 16.26 12.06 1.60
CA PRO A 171 15.91 13.13 0.66
C PRO A 171 16.93 14.23 0.48
N GLU A 172 17.58 14.64 1.55
CA GLU A 172 18.57 15.72 1.42
C GLU A 172 19.83 15.32 0.65
N ARG A 173 20.06 14.00 0.48
CA ARG A 173 21.21 13.51 -0.31
C ARG A 173 20.72 12.92 -1.67
N ASN A 174 19.40 12.86 -1.88
CA ASN A 174 18.77 12.24 -3.07
C ASN A 174 19.44 10.89 -3.37
N GLU A 175 19.52 10.05 -2.32
CA GLU A 175 20.27 8.83 -2.42
C GLU A 175 19.52 7.69 -1.72
N TRP A 176 19.61 6.49 -2.31
CA TRP A 176 19.05 5.29 -1.70
C TRP A 176 20.21 4.44 -1.18
N ARG A 177 19.99 3.79 -0.03
CA ARG A 177 20.97 2.86 0.50
C ARG A 177 20.25 1.61 1.01
N MET A 178 20.84 0.45 0.80
CA MET A 178 20.25 -0.79 1.32
C MET A 178 20.21 -0.76 2.86
N ILE A 179 19.17 -1.33 3.42
CA ILE A 179 19.10 -1.56 4.86
C ILE A 179 19.23 -3.09 5.10
N THR A 180 19.23 -3.54 6.39
CA THR A 180 19.25 -4.96 6.68
C THR A 180 18.05 -5.64 5.96
N PRO A 181 18.27 -6.77 5.27
CA PRO A 181 17.14 -7.46 4.66
C PRO A 181 16.23 -8.08 5.72
N MET A 182 14.97 -8.27 5.32
CA MET A 182 14.04 -8.97 6.22
C MET A 182 14.47 -10.43 6.39
N ASN A 183 13.87 -11.07 7.42
CA ASN A 183 14.09 -12.50 7.59
C ASN A 183 13.26 -13.36 6.66
N THR A 184 12.32 -12.77 5.92
CA THR A 184 11.45 -13.54 5.02
C THR A 184 11.35 -12.79 3.71
N ILE A 185 11.27 -13.56 2.62
CA ILE A 185 11.01 -12.99 1.29
C ILE A 185 9.55 -12.59 1.28
N ARG A 186 9.24 -11.34 0.88
CA ARG A 186 7.87 -10.88 0.83
C ARG A 186 7.64 -9.98 -0.35
N SER A 187 6.77 -10.40 -1.26
CA SER A 187 6.27 -9.54 -2.29
C SER A 187 4.76 -9.43 -1.99
N GLY A 188 4.21 -8.22 -2.10
CA GLY A 188 2.79 -8.04 -1.81
C GLY A 188 2.49 -7.95 -0.32
N ALA A 189 3.47 -7.61 0.50
CA ALA A 189 3.23 -7.43 1.92
C ALA A 189 2.55 -6.06 2.16
N GLY A 190 1.99 -5.89 3.35
CA GLY A 190 1.56 -4.56 3.79
C GLY A 190 2.68 -4.01 4.69
N VAL A 191 3.10 -2.77 4.44
CA VAL A 191 4.18 -2.14 5.20
C VAL A 191 3.69 -0.82 5.77
N CYS A 192 3.98 -0.59 7.05
CA CYS A 192 3.56 0.63 7.71
C CYS A 192 4.56 0.95 8.82
N VAL A 193 4.35 2.06 9.50
CA VAL A 193 5.19 2.48 10.61
CA VAL A 193 5.20 2.46 10.62
C VAL A 193 4.41 2.63 11.89
N LEU A 194 4.97 2.16 12.98
CA LEU A 194 4.35 2.29 14.26
C LEU A 194 5.44 2.35 15.31
N HIS A 195 5.46 3.40 16.11
CA HIS A 195 6.41 3.53 17.25
C HIS A 195 7.92 3.14 17.03
N ASN A 196 8.56 3.81 16.13
CA ASN A 196 9.99 3.69 15.78
C ASN A 196 10.30 2.45 14.92
N CYS A 197 9.25 1.68 14.48
CA CYS A 197 9.54 0.50 13.69
C CYS A 197 8.80 0.50 12.38
N ILE A 198 9.41 -0.10 11.36
CA ILE A 198 8.75 -0.36 10.06
C ILE A 198 8.21 -1.80 10.11
N TYR A 199 6.91 -1.97 10.03
CA TYR A 199 6.33 -3.34 10.07
C TYR A 199 6.11 -3.87 8.64
N ALA A 200 6.36 -5.15 8.40
CA ALA A 200 6.06 -5.83 7.14
C ALA A 200 5.15 -7.02 7.48
N ALA A 201 3.90 -6.96 7.04
CA ALA A 201 2.90 -8.00 7.37
C ALA A 201 2.46 -8.74 6.13
N GLY A 202 2.43 -10.06 6.24
CA GLY A 202 1.95 -10.86 5.12
C GLY A 202 2.80 -10.79 3.87
N GLY A 203 2.14 -10.94 2.72
CA GLY A 203 2.84 -11.03 1.47
C GLY A 203 2.95 -12.47 1.02
N TYR A 204 3.77 -12.68 -0.01
CA TYR A 204 3.94 -13.98 -0.65
C TYR A 204 5.44 -14.25 -0.75
N ASP A 205 5.88 -15.44 -0.31
CA ASP A 205 7.32 -15.73 -0.28
C ASP A 205 7.83 -16.52 -1.47
N GLY A 206 6.96 -16.79 -2.45
CA GLY A 206 7.31 -17.65 -3.57
C GLY A 206 6.56 -18.98 -3.53
N GLN A 207 6.05 -19.37 -2.35
CA GLN A 207 5.34 -20.63 -2.16
C GLN A 207 3.98 -20.48 -1.47
N ASP A 208 3.88 -19.57 -0.49
CA ASP A 208 2.63 -19.39 0.24
C ASP A 208 2.39 -17.95 0.59
N GLN A 209 1.12 -17.59 0.73
CA GLN A 209 0.72 -16.31 1.32
C GLN A 209 1.04 -16.43 2.81
N LEU A 210 1.56 -15.35 3.38
CA LEU A 210 2.07 -15.36 4.76
C LEU A 210 1.16 -14.75 5.78
N ASN A 211 1.16 -15.30 7.02
CA ASN A 211 0.51 -14.62 8.14
C ASN A 211 1.60 -13.97 9.06
N SER A 212 2.90 -14.20 8.80
CA SER A 212 3.95 -13.68 9.66
C SER A 212 4.12 -12.17 9.50
N VAL A 213 4.63 -11.53 10.58
CA VAL A 213 4.79 -10.09 10.65
C VAL A 213 6.13 -9.82 11.29
N GLU A 214 6.93 -8.96 10.69
CA GLU A 214 8.22 -8.62 11.28
C GLU A 214 8.40 -7.09 11.26
N ARG A 215 9.20 -6.58 12.19
CA ARG A 215 9.38 -5.13 12.28
C ARG A 215 10.87 -4.78 12.37
N TYR A 216 11.20 -3.68 11.73
CA TYR A 216 12.56 -3.17 11.64
C TYR A 216 12.68 -2.02 12.61
N ASP A 217 13.61 -2.10 13.54
CA ASP A 217 13.88 -1.01 14.48
C ASP A 217 14.98 -0.20 13.87
N VAL A 218 14.68 1.07 13.46
CA VAL A 218 15.68 1.87 12.77
C VAL A 218 16.93 2.12 13.66
N GLU A 219 16.77 2.11 14.97
CA GLU A 219 17.95 2.34 15.87
C GLU A 219 18.87 1.14 15.92
N THR A 220 18.33 -0.07 15.93
CA THR A 220 19.12 -1.29 16.01
C THR A 220 19.45 -1.94 14.71
N GLU A 221 18.75 -1.58 13.61
CA GLU A 221 18.97 -2.17 12.30
C GLU A 221 18.65 -3.68 12.25
N THR A 222 17.73 -4.12 13.09
CA THR A 222 17.35 -5.53 13.10
C THR A 222 15.88 -5.68 12.77
N TRP A 223 15.54 -6.88 12.29
CA TRP A 223 14.16 -7.23 12.02
C TRP A 223 13.78 -8.30 13.03
N THR A 224 12.64 -8.14 13.69
CA THR A 224 12.17 -9.12 14.66
C THR A 224 10.72 -9.52 14.37
N PHE A 225 10.40 -10.84 14.41
CA PHE A 225 9.01 -11.24 14.24
C PHE A 225 8.21 -10.86 15.48
N VAL A 226 6.95 -10.45 15.25
CA VAL A 226 5.95 -10.23 16.29
C VAL A 226 4.84 -11.34 16.11
N ALA A 227 3.69 -11.23 16.80
CA ALA A 227 2.63 -12.22 16.67
C ALA A 227 2.15 -12.22 15.20
N PRO A 228 1.91 -13.42 14.65
CA PRO A 228 1.39 -13.50 13.28
C PRO A 228 -0.07 -13.09 13.24
N MET A 229 -0.55 -12.66 12.05
CA MET A 229 -1.96 -12.39 11.87
C MET A 229 -2.72 -13.73 11.93
N ARG A 230 -4.01 -13.65 12.18
CA ARG A 230 -4.90 -14.81 12.16
C ARG A 230 -5.02 -15.34 10.74
N HIS A 231 -5.07 -14.44 9.75
CA HIS A 231 -5.23 -14.88 8.37
C HIS A 231 -3.93 -14.65 7.61
N HIS A 232 -3.53 -15.64 6.83
CA HIS A 232 -2.45 -15.45 5.84
C HIS A 232 -3.05 -14.55 4.73
N ARG A 233 -2.26 -13.58 4.24
CA ARG A 233 -2.77 -12.66 3.25
C ARG A 233 -1.66 -12.01 2.49
N SER A 234 -1.95 -11.80 1.23
CA SER A 234 -1.03 -11.11 0.33
C SER A 234 -1.87 -10.07 -0.44
N ALA A 235 -1.25 -8.96 -0.89
CA ALA A 235 -2.00 -7.87 -1.54
C ALA A 235 -3.08 -7.32 -0.59
N LEU A 236 -2.70 -7.18 0.68
CA LEU A 236 -3.57 -6.59 1.68
C LEU A 236 -3.41 -5.05 1.69
N GLY A 237 -4.41 -4.38 2.25
CA GLY A 237 -4.30 -2.97 2.57
C GLY A 237 -3.80 -2.88 4.03
N ILE A 238 -3.12 -1.78 4.38
CA ILE A 238 -2.62 -1.61 5.75
C ILE A 238 -2.64 -0.13 6.07
N THR A 239 -2.92 0.16 7.35
CA THR A 239 -2.75 1.53 7.84
C THR A 239 -2.57 1.51 9.34
N VAL A 240 -2.27 2.68 9.93
CA VAL A 240 -2.15 2.81 11.38
C VAL A 240 -3.19 3.81 11.80
N HIS A 241 -3.86 3.55 12.94
CA HIS A 241 -4.84 4.49 13.45
C HIS A 241 -4.82 4.36 14.95
N GLN A 242 -4.58 5.48 15.64
CA GLN A 242 -4.51 5.58 17.11
C GLN A 242 -3.66 4.45 17.73
N GLY A 243 -2.49 4.28 17.13
CA GLY A 243 -1.44 3.41 17.64
C GLY A 243 -1.63 1.92 17.43
N LYS A 244 -2.50 1.55 16.52
CA LYS A 244 -2.75 0.16 16.20
C LYS A 244 -2.64 -0.01 14.69
N ILE A 245 -2.21 -1.17 14.26
CA ILE A 245 -2.11 -1.46 12.82
C ILE A 245 -3.41 -2.11 12.39
N TYR A 246 -3.95 -1.77 11.21
CA TYR A 246 -5.13 -2.42 10.69
C TYR A 246 -4.76 -2.98 9.33
N VAL A 247 -5.06 -4.28 9.11
CA VAL A 247 -4.86 -4.92 7.80
C VAL A 247 -6.24 -5.21 7.21
N LEU A 248 -6.37 -4.96 5.92
CA LEU A 248 -7.65 -5.08 5.24
C LEU A 248 -7.57 -5.97 3.99
N GLY A 249 -8.33 -7.06 4.03
CA GLY A 249 -8.49 -7.90 2.85
C GLY A 249 -7.23 -8.58 2.40
N GLY A 250 -7.15 -8.80 1.09
CA GLY A 250 -6.05 -9.55 0.53
C GLY A 250 -6.49 -10.88 -0.02
N TYR A 251 -5.55 -11.63 -0.53
CA TYR A 251 -5.78 -12.95 -1.09
C TYR A 251 -4.98 -13.98 -0.28
N ASP A 252 -5.64 -15.07 0.14
CA ASP A 252 -4.96 -16.08 0.96
C ASP A 252 -4.69 -17.39 0.22
N GLY A 253 -4.80 -17.37 -1.12
CA GLY A 253 -4.58 -18.56 -1.91
C GLY A 253 -5.86 -19.34 -2.16
N HIS A 254 -7.00 -18.84 -1.65
CA HIS A 254 -8.29 -19.52 -1.73
C HIS A 254 -9.45 -18.54 -1.81
N THR A 255 -9.41 -17.52 -0.99
CA THR A 255 -10.47 -16.56 -0.84
C THR A 255 -9.95 -15.13 -0.98
N PHE A 256 -10.80 -14.21 -1.45
CA PHE A 256 -10.55 -12.79 -1.41
C PHE A 256 -11.13 -12.37 -0.09
N LEU A 257 -10.24 -12.12 0.88
CA LEU A 257 -10.66 -11.86 2.22
C LEU A 257 -11.46 -10.62 2.43
N ASP A 258 -12.46 -10.71 3.30
CA ASP A 258 -13.15 -9.52 3.81
C ASP A 258 -12.63 -9.20 5.25
N SER A 259 -11.78 -10.05 5.80
CA SER A 259 -11.26 -9.84 7.16
C SER A 259 -10.47 -8.54 7.32
N VAL A 260 -10.72 -7.85 8.45
CA VAL A 260 -9.94 -6.69 8.88
C VAL A 260 -9.47 -7.06 10.27
N GLU A 261 -8.16 -7.13 10.45
CA GLU A 261 -7.55 -7.42 11.75
C GLU A 261 -6.80 -6.19 12.27
N CYS A 262 -6.69 -6.11 13.61
CA CYS A 262 -6.08 -4.96 14.24
C CYS A 262 -5.00 -5.50 15.20
N TYR A 263 -3.79 -4.94 15.09
CA TYR A 263 -2.67 -5.35 15.93
C TYR A 263 -2.46 -4.33 17.05
N ASP A 264 -2.43 -4.83 18.30
CA ASP A 264 -2.14 -4.01 19.47
C ASP A 264 -0.68 -4.32 19.86
N PRO A 265 0.20 -3.31 19.76
CA PRO A 265 1.61 -3.57 20.02
C PRO A 265 1.92 -3.81 21.50
N ASP A 266 1.10 -3.27 22.39
CA ASP A 266 1.33 -3.41 23.82
C ASP A 266 1.09 -4.84 24.26
N SER A 267 0.04 -5.48 23.73
CA SER A 267 -0.24 -6.88 24.08
C SER A 267 0.37 -7.88 23.06
N ASP A 268 0.93 -7.39 21.93
CA ASP A 268 1.45 -8.27 20.87
C ASP A 268 0.37 -9.28 20.40
N THR A 269 -0.86 -8.76 20.15
CA THR A 269 -1.99 -9.59 19.72
C THR A 269 -2.72 -8.97 18.54
N TRP A 270 -3.29 -9.83 17.71
CA TRP A 270 -4.11 -9.43 16.59
C TRP A 270 -5.53 -9.85 16.93
N SER A 271 -6.50 -9.03 16.56
CA SER A 271 -7.91 -9.41 16.73
C SER A 271 -8.72 -9.00 15.49
N GLU A 272 -9.80 -9.73 15.19
CA GLU A 272 -10.70 -9.37 14.08
C GLU A 272 -11.52 -8.18 14.55
N VAL A 273 -11.64 -7.09 13.78
CA VAL A 273 -12.39 -5.92 14.31
C VAL A 273 -13.65 -5.59 13.54
N THR A 274 -13.71 -6.00 12.29
CA THR A 274 -14.84 -5.77 11.40
C THR A 274 -14.57 -6.59 10.13
N ARG A 275 -15.56 -6.66 9.27
CA ARG A 275 -15.35 -7.24 7.96
C ARG A 275 -15.63 -6.14 6.98
N MET A 276 -14.88 -6.15 5.88
CA MET A 276 -15.22 -5.29 4.75
C MET A 276 -16.59 -5.73 4.19
N THR A 277 -17.22 -4.80 3.43
CA THR A 277 -18.55 -5.13 2.87
C THR A 277 -18.53 -6.29 1.88
N SER A 278 -17.35 -6.57 1.29
CA SER A 278 -17.14 -7.71 0.37
C SER A 278 -15.63 -7.96 0.31
N GLY A 279 -15.26 -9.22 0.08
CA GLY A 279 -13.84 -9.56 0.01
C GLY A 279 -13.17 -8.98 -1.24
N ARG A 280 -11.94 -8.56 -1.09
CA ARG A 280 -11.18 -7.98 -2.20
C ARG A 280 -9.70 -7.95 -1.86
N SER A 281 -8.84 -7.86 -2.90
CA SER A 281 -7.39 -7.70 -2.72
C SER A 281 -6.93 -6.44 -3.46
N GLY A 282 -5.70 -6.04 -3.20
CA GLY A 282 -5.12 -4.95 -3.97
C GLY A 282 -5.72 -3.57 -3.73
N VAL A 283 -6.22 -3.31 -2.51
CA VAL A 283 -6.77 -1.99 -2.22
C VAL A 283 -5.71 -0.94 -1.89
N GLY A 284 -6.08 0.32 -2.00
CA GLY A 284 -5.29 1.45 -1.48
C GLY A 284 -5.93 1.91 -0.19
N VAL A 285 -5.13 2.19 0.90
CA VAL A 285 -5.76 2.57 2.17
C VAL A 285 -5.11 3.78 2.72
N ALA A 286 -5.87 4.64 3.38
CA ALA A 286 -5.30 5.79 4.13
C ALA A 286 -6.31 6.29 5.18
N VAL A 287 -5.92 7.16 6.09
CA VAL A 287 -6.77 7.68 7.15
C VAL A 287 -6.90 9.19 7.04
N THR A 288 -8.14 9.72 7.08
CA THR A 288 -8.41 11.16 7.12
C THR A 288 -9.80 11.43 7.78
N MET A 289 -10.25 12.70 7.88
CA MET A 289 -11.52 13.15 8.49
C MET A 289 -12.74 12.42 7.89
N GLU A 290 -13.87 12.43 8.63
CA GLU A 290 -15.15 11.91 8.13
C GLU A 290 -15.64 12.82 6.98
N PRO A 291 -16.35 12.25 5.98
CA PRO A 291 -16.85 13.09 4.89
C PRO A 291 -18.17 13.79 5.21
C ACE B 1 -4.59 -17.96 -13.28
O ACE B 1 -4.91 -16.96 -13.92
CH3 ACE B 1 -4.74 -19.34 -13.84
N CYS B 2 -4.14 -17.88 -12.02
CA CYS B 2 -4.14 -16.62 -11.30
C CYS B 2 -2.79 -16.29 -10.65
N ASP B 3 -2.57 -15.00 -10.42
CA ASP B 3 -1.37 -14.50 -9.76
C ASP B 3 -1.46 -14.85 -8.27
N PRO B 4 -0.52 -15.65 -7.75
CA PRO B 4 -0.62 -16.09 -6.34
C PRO B 4 -0.48 -14.96 -5.33
N GLU B 5 0.11 -13.82 -5.74
CA GLU B 5 0.27 -12.70 -4.85
C GLU B 5 -0.99 -11.86 -4.69
N THR B 6 -1.79 -11.76 -5.76
CA THR B 6 -2.94 -10.85 -5.75
C THR B 6 -4.28 -11.58 -5.90
N GLY B 7 -4.23 -12.79 -6.44
CA GLY B 7 -5.44 -13.52 -6.79
C GLY B 7 -6.01 -13.19 -8.16
N GLU B 8 -5.49 -12.14 -8.81
CA GLU B 8 -6.07 -11.70 -10.07
C GLU B 8 -5.89 -12.71 -11.19
N CYS B 9 -6.90 -12.82 -12.06
CA CYS B 9 -6.81 -13.64 -13.26
C CYS B 9 -5.64 -13.19 -14.14
N LEU B 10 -4.80 -14.17 -14.45
CA LEU B 10 -3.79 -14.23 -15.51
C LEU B 10 -2.44 -14.56 -14.88
N NH2 B 11 -1.94 -13.68 -14.01
S SO4 C . 12.47 2.10 -15.08
O1 SO4 C . 12.55 2.30 -13.60
O2 SO4 C . 11.95 3.37 -15.59
O3 SO4 C . 11.45 1.05 -15.36
O4 SO4 C . 13.63 1.36 -15.53
NA NA D . -0.73 17.36 11.78
C IZS E . -10.30 -17.62 -16.39
N IZS E . -7.93 -21.32 -13.28
O IZS E . -9.07 -19.54 -15.65
C1 IZS E . -10.17 -19.10 -16.52
C2 IZS E . -8.90 -20.87 -15.53
C3 IZS E . -7.66 -21.15 -14.71
C7 IZS E . -8.49 -18.15 -10.85
C8 IZS E . -8.98 -18.15 -12.14
C9 IZS E . -9.67 -16.96 -12.72
C10 IZS E . -8.93 -15.70 -12.29
C31 IZS E . -5.65 -19.12 -9.24
C32 IZS E . -7.15 -19.30 -9.06
N2 IZS E . -8.78 -19.19 -12.97
C5 IZS E . -8.07 -20.22 -12.47
C4 IZS E . -7.44 -22.60 -12.78
O1 IZS E . -9.62 -21.70 -16.01
C6 IZS E . -7.75 -19.24 -10.43
N1 IZS E . -7.51 -20.29 -11.23
#